data_6UWA
#
_entry.id   6UWA
#
_cell.length_a   34.041
_cell.length_b   58.974
_cell.length_c   104.954
_cell.angle_alpha   90.000
_cell.angle_beta   90.000
_cell.angle_gamma   90.000
#
_symmetry.space_group_name_H-M   'P 21 21 21'
#
loop_
_entity.id
_entity.type
_entity.pdbx_description
1 polymer 'Protein kinase C'
2 non-polymer 'LEAD (II) ION'
3 non-polymer 'SULFATE ION'
4 non-polymer 'CITRIC ACID'
5 non-polymer 'ZINC ION'
6 water water
#
_entity_poly.entity_id   1
_entity_poly.type   'polypeptide(L)'
_entity_poly.pdbx_seq_one_letter_code
;SKHKFKIHTYGSPTFCDHCGSLLYGLIHQGMKCDTCDMNVHKQCVINVPSLCGMDHTEKRGRIYLKAEVTDEKLHVTVRD
AKNLIPMDPNGLSDPYVKLKLIPDPKNESKQKTKTIRSTLNPQWNESFTFKLKPSDKDRRLSVEIWDWDRTTRNDFMGSL
SFGVSELMKMPASGWYKLLNQEEGEYYNVPIPEG
;
_entity_poly.pdbx_strand_id   A
#
loop_
_chem_comp.id
_chem_comp.type
_chem_comp.name
_chem_comp.formula
CIT non-polymer 'CITRIC ACID' 'C6 H8 O7'
PB non-polymer 'LEAD (II) ION' 'Pb 2'
SO4 non-polymer 'SULFATE ION' 'O4 S -2'
ZN non-polymer 'ZINC ION' 'Zn 2'
#
# COMPACT_ATOMS: atom_id res chain seq x y z
N SER A 1 23.02 -7.12 3.44
CA SER A 1 23.17 -7.22 4.87
C SER A 1 22.02 -8.07 5.48
N LYS A 2 22.33 -9.28 5.92
CA LYS A 2 21.29 -10.20 6.38
C LYS A 2 20.80 -9.86 7.77
N HIS A 3 19.51 -10.09 8.01
CA HIS A 3 18.93 -10.02 9.33
C HIS A 3 19.16 -11.33 10.07
N LYS A 4 18.95 -11.30 11.39
CA LYS A 4 19.04 -12.48 12.26
C LYS A 4 17.81 -12.48 13.16
N PHE A 5 16.73 -13.09 12.69
CA PHE A 5 15.46 -13.05 13.40
C PHE A 5 15.37 -14.17 14.44
N LYS A 6 14.76 -13.86 15.59
CA LYS A 6 14.46 -14.82 16.65
C LYS A 6 13.07 -14.53 17.20
N ILE A 7 12.42 -15.54 17.78
CA ILE A 7 11.08 -15.34 18.29
C ILE A 7 11.07 -14.29 19.39
N HIS A 8 9.95 -13.60 19.53
CA HIS A 8 9.87 -12.55 20.55
C HIS A 8 8.44 -12.45 21.04
N THR A 9 8.29 -12.11 22.32
CA THR A 9 7.00 -11.83 22.94
C THR A 9 6.89 -10.34 23.21
N TYR A 10 5.84 -9.73 22.66
CA TYR A 10 5.64 -8.29 22.69
C TYR A 10 4.60 -7.94 23.76
N GLY A 11 4.93 -7.00 24.63
CA GLY A 11 4.02 -6.62 25.71
C GLY A 11 3.14 -5.43 25.42
N SER A 12 3.25 -4.83 24.24
N SER A 12 3.24 -4.84 24.25
CA SER A 12 2.42 -3.72 23.79
CA SER A 12 2.32 -3.80 23.82
C SER A 12 2.08 -3.98 22.33
C SER A 12 2.05 -4.00 22.34
N PRO A 13 0.95 -3.46 21.83
CA PRO A 13 0.59 -3.70 20.42
C PRO A 13 1.71 -3.31 19.49
N THR A 14 2.16 -4.27 18.68
CA THR A 14 3.27 -4.09 17.77
C THR A 14 2.85 -4.60 16.41
N PHE A 15 3.29 -3.90 15.37
CA PHE A 15 2.90 -4.19 14.01
C PHE A 15 4.05 -4.78 13.21
N CYS A 16 3.71 -5.58 12.20
CA CYS A 16 4.72 -6.17 11.35
C CYS A 16 5.34 -5.10 10.46
N ASP A 17 6.68 -5.00 10.50
CA ASP A 17 7.39 -4.03 9.67
C ASP A 17 7.38 -4.39 8.19
N HIS A 18 6.97 -5.61 7.86
CA HIS A 18 6.88 -6.04 6.47
C HIS A 18 5.49 -5.80 5.88
N CYS A 19 4.45 -6.38 6.47
CA CYS A 19 3.11 -6.33 5.90
C CYS A 19 2.17 -5.36 6.60
N GLY A 20 2.55 -4.79 7.75
CA GLY A 20 1.80 -3.73 8.37
C GLY A 20 0.82 -4.12 9.44
N SER A 21 0.38 -5.37 9.52
CA SER A 21 -0.70 -5.69 10.44
C SER A 21 -0.18 -6.13 11.81
N LEU A 22 -1.11 -6.25 12.75
CA LEU A 22 -0.77 -6.51 14.14
C LEU A 22 -0.07 -7.87 14.31
N LEU A 23 0.94 -7.89 15.18
CA LEU A 23 1.52 -9.14 15.68
C LEU A 23 0.62 -9.65 16.80
N TYR A 24 -0.14 -10.70 16.54
CA TYR A 24 -1.18 -11.17 17.45
C TYR A 24 -0.77 -12.47 18.12
N GLY A 25 -1.43 -12.75 19.25
CA GLY A 25 -1.23 -14.00 19.96
C GLY A 25 -0.90 -13.77 21.42
N LEU A 26 -1.08 -14.82 22.23
CA LEU A 26 -0.81 -14.71 23.66
C LEU A 26 0.68 -14.49 23.95
N ILE A 27 1.56 -15.24 23.27
CA ILE A 27 3.01 -15.08 23.39
C ILE A 27 3.60 -15.30 22.01
N HIS A 28 4.89 -15.00 21.87
CA HIS A 28 5.63 -15.36 20.66
C HIS A 28 4.92 -14.90 19.39
N GLN A 29 4.55 -13.63 19.36
CA GLN A 29 3.70 -13.12 18.29
C GLN A 29 4.46 -12.79 17.03
N GLY A 30 5.78 -12.70 17.08
CA GLY A 30 6.53 -12.37 15.88
C GLY A 30 8.01 -12.63 16.09
N MET A 31 8.78 -12.22 15.09
CA MET A 31 10.21 -12.42 15.03
C MET A 31 10.90 -11.05 15.07
N LYS A 32 11.92 -10.92 15.90
CA LYS A 32 12.65 -9.67 16.06
C LYS A 32 14.09 -9.88 15.61
N CYS A 33 14.62 -8.93 14.86
CA CYS A 33 16.02 -9.03 14.44
C CYS A 33 16.94 -8.57 15.54
N ASP A 34 17.89 -9.46 15.92
CA ASP A 34 18.93 -9.22 16.91
C ASP A 34 19.73 -7.94 16.66
N THR A 35 19.83 -7.48 15.41
CA THR A 35 20.73 -6.37 15.07
C THR A 35 20.04 -5.03 14.93
N CYS A 36 18.91 -4.99 14.25
CA CYS A 36 18.27 -3.74 13.85
C CYS A 36 16.91 -3.53 14.48
N ASP A 37 16.41 -4.50 15.24
CA ASP A 37 15.14 -4.38 15.96
C ASP A 37 13.90 -4.48 15.08
N MET A 38 14.04 -4.87 13.81
CA MET A 38 12.87 -5.07 12.97
CA MET A 38 12.88 -5.08 12.96
C MET A 38 12.00 -6.19 13.55
N ASN A 39 10.68 -6.01 13.47
CA ASN A 39 9.70 -6.98 13.95
C ASN A 39 8.83 -7.43 12.79
N VAL A 40 8.70 -8.74 12.58
CA VAL A 40 7.84 -9.25 11.51
C VAL A 40 7.07 -10.47 11.97
N HIS A 41 5.98 -10.77 11.27
CA HIS A 41 5.32 -12.06 11.48
C HIS A 41 6.26 -13.18 11.10
N LYS A 42 6.10 -14.35 11.74
CA LYS A 42 6.84 -15.53 11.34
C LYS A 42 6.70 -15.78 9.83
N GLN A 43 5.47 -15.69 9.32
CA GLN A 43 5.20 -15.97 7.92
C GLN A 43 5.71 -14.89 6.98
N CYS A 44 6.17 -13.75 7.50
CA CYS A 44 6.72 -12.69 6.68
C CYS A 44 8.24 -12.76 6.56
N VAL A 45 8.91 -13.52 7.43
CA VAL A 45 10.38 -13.59 7.42
C VAL A 45 10.91 -13.85 6.02
N ILE A 46 10.32 -14.82 5.32
CA ILE A 46 10.84 -15.24 4.04
C ILE A 46 10.88 -14.11 3.02
N ASN A 47 10.04 -13.09 3.19
CA ASN A 47 9.92 -12.01 2.22
C ASN A 47 10.68 -10.75 2.60
N VAL A 48 11.39 -10.76 3.73
CA VAL A 48 12.11 -9.56 4.14
C VAL A 48 13.44 -9.50 3.39
N PRO A 49 13.76 -8.41 2.71
CA PRO A 49 15.04 -8.33 2.00
C PRO A 49 16.19 -8.18 2.98
N SER A 50 17.40 -8.46 2.48
CA SER A 50 18.60 -8.38 3.30
C SER A 50 19.10 -6.93 3.30
N LEU A 51 18.43 -6.10 4.08
CA LEU A 51 18.73 -4.69 4.25
C LEU A 51 18.95 -4.35 5.72
N CYS A 52 19.55 -5.27 6.47
CA CYS A 52 19.68 -5.09 7.91
C CYS A 52 20.62 -3.93 8.22
N GLY A 53 20.09 -2.91 8.92
CA GLY A 53 20.85 -1.73 9.22
C GLY A 53 20.92 -0.71 8.09
N MET A 54 20.23 -0.97 6.97
N MET A 54 20.23 -0.95 6.98
CA MET A 54 20.30 -0.15 5.75
CA MET A 54 20.24 -0.09 5.80
C MET A 54 19.00 0.63 5.51
C MET A 54 18.94 0.68 5.64
N LYS A 59 12.41 -1.00 -0.95
CA LYS A 59 11.24 -0.16 -1.12
C LYS A 59 10.00 -0.92 -1.59
N ARG A 60 8.98 -0.17 -2.00
CA ARG A 60 7.68 -0.77 -2.26
C ARG A 60 7.33 -0.78 -3.75
N GLY A 61 8.24 -0.40 -4.61
CA GLY A 61 7.94 -0.32 -6.03
C GLY A 61 7.26 0.98 -6.41
N ARG A 62 6.62 0.94 -7.58
CA ARG A 62 6.07 2.16 -8.19
C ARG A 62 4.83 1.79 -8.99
N ILE A 63 3.96 2.80 -9.16
CA ILE A 63 2.70 2.64 -9.88
C ILE A 63 2.57 3.75 -10.92
N TYR A 64 1.94 3.44 -12.05
CA TYR A 64 1.73 4.39 -13.13
C TYR A 64 0.25 4.75 -13.20
N LEU A 65 -0.05 6.04 -13.06
CA LEU A 65 -1.40 6.57 -12.88
CA LEU A 65 -1.43 6.48 -13.03
C LEU A 65 -1.59 7.82 -13.70
N LYS A 66 -2.85 8.11 -14.03
CA LYS A 66 -3.29 9.43 -14.44
C LYS A 66 -4.48 9.81 -13.57
N ALA A 67 -4.61 11.09 -13.24
CA ALA A 67 -5.78 11.57 -12.52
C ALA A 67 -6.05 12.99 -12.99
N GLU A 68 -7.27 13.24 -13.48
CA GLU A 68 -7.62 14.53 -14.04
C GLU A 68 -9.07 14.85 -13.72
N VAL A 69 -9.32 16.10 -13.35
CA VAL A 69 -10.67 16.57 -13.05
C VAL A 69 -11.22 17.30 -14.26
N THR A 70 -12.43 16.92 -14.68
CA THR A 70 -13.16 17.63 -15.71
C THR A 70 -14.54 17.96 -15.16
N ASP A 71 -14.85 19.24 -15.10
CA ASP A 71 -16.09 19.74 -14.50
C ASP A 71 -16.12 19.28 -13.06
N GLU A 72 -17.06 18.42 -12.72
CA GLU A 72 -17.15 17.91 -11.36
C GLU A 72 -16.84 16.41 -11.29
N LYS A 73 -16.04 15.90 -12.23
CA LYS A 73 -15.70 14.49 -12.28
C LYS A 73 -14.19 14.30 -12.18
N LEU A 74 -13.78 13.44 -11.26
CA LEU A 74 -12.38 13.06 -11.14
C LEU A 74 -12.21 11.71 -11.82
N HIS A 75 -11.36 11.65 -12.83
CA HIS A 75 -11.18 10.43 -13.61
C HIS A 75 -9.76 9.91 -13.42
N VAL A 76 -9.64 8.66 -12.99
CA VAL A 76 -8.37 8.06 -12.60
C VAL A 76 -8.10 6.86 -13.50
N THR A 77 -6.91 6.83 -14.09
CA THR A 77 -6.47 5.68 -14.88
C THR A 77 -5.41 4.95 -14.08
N VAL A 78 -5.63 3.66 -13.85
CA VAL A 78 -4.71 2.80 -13.10
C VAL A 78 -4.12 1.84 -14.12
N ARG A 79 -2.89 2.09 -14.57
CA ARG A 79 -2.31 1.28 -15.64
C ARG A 79 -1.63 0.03 -15.08
N ASP A 80 -0.51 0.20 -14.39
CA ASP A 80 0.30 -0.94 -13.99
C ASP A 80 1.22 -0.52 -12.84
N ALA A 81 1.93 -1.50 -12.31
CA ALA A 81 2.88 -1.26 -11.23
C ALA A 81 4.07 -2.19 -11.40
N LYS A 82 5.20 -1.79 -10.81
CA LYS A 82 6.43 -2.55 -10.95
C LYS A 82 7.14 -2.68 -9.61
N ASN A 83 7.83 -3.82 -9.45
CA ASN A 83 8.72 -4.09 -8.33
CA ASN A 83 8.74 -3.99 -8.32
C ASN A 83 8.01 -3.98 -6.98
N LEU A 84 6.83 -4.58 -6.92
CA LEU A 84 6.07 -4.60 -5.69
C LEU A 84 6.64 -5.61 -4.69
N ILE A 85 6.16 -5.50 -3.45
CA ILE A 85 6.68 -6.31 -2.35
C ILE A 85 5.92 -7.63 -2.25
N PRO A 86 6.61 -8.77 -2.09
CA PRO A 86 5.91 -10.05 -1.92
C PRO A 86 5.32 -10.18 -0.53
N MET A 87 4.11 -10.74 -0.47
CA MET A 87 3.36 -10.89 0.77
C MET A 87 2.94 -12.33 1.07
N ASP A 88 3.28 -13.28 0.20
CA ASP A 88 2.88 -14.67 0.33
C ASP A 88 4.10 -15.55 0.46
N PRO A 89 3.93 -16.78 0.99
CA PRO A 89 5.13 -17.63 1.22
C PRO A 89 5.84 -18.05 -0.04
N ASN A 90 5.18 -17.96 -1.20
CA ASN A 90 5.80 -18.26 -2.48
C ASN A 90 6.59 -17.10 -3.04
N GLY A 91 6.73 -16.01 -2.29
CA GLY A 91 7.51 -14.89 -2.75
C GLY A 91 6.84 -14.05 -3.81
N LEU A 92 5.53 -14.15 -3.95
CA LEU A 92 4.74 -13.31 -4.84
C LEU A 92 3.64 -12.61 -4.04
N SER A 93 2.79 -11.88 -4.77
CA SER A 93 1.60 -11.23 -4.23
C SER A 93 0.49 -11.34 -5.26
N ASP A 94 -0.72 -10.90 -4.87
CA ASP A 94 -1.91 -10.91 -5.72
C ASP A 94 -2.51 -9.51 -5.70
N PRO A 95 -1.91 -8.55 -6.40
CA PRO A 95 -2.21 -7.15 -6.14
C PRO A 95 -3.50 -6.66 -6.78
N TYR A 96 -4.20 -5.80 -6.03
CA TYR A 96 -5.26 -4.97 -6.55
C TYR A 96 -5.10 -3.57 -5.95
N VAL A 97 -5.78 -2.61 -6.57
CA VAL A 97 -5.71 -1.21 -6.14
C VAL A 97 -7.08 -0.79 -5.62
N LYS A 98 -7.08 -0.11 -4.48
CA LYS A 98 -8.27 0.50 -3.93
C LYS A 98 -8.14 2.01 -4.01
N LEU A 99 -9.18 2.65 -4.49
CA LEU A 99 -9.21 4.11 -4.67
CA LEU A 99 -9.22 4.10 -4.68
C LEU A 99 -10.36 4.66 -3.84
N LYS A 100 -10.10 5.75 -3.13
CA LYS A 100 -11.18 6.40 -2.40
C LYS A 100 -10.82 7.86 -2.15
N LEU A 101 -11.81 8.64 -1.73
CA LEU A 101 -11.58 10.02 -1.34
C LEU A 101 -11.59 10.06 0.18
N ILE A 102 -10.51 10.57 0.76
CA ILE A 102 -10.34 10.56 2.21
C ILE A 102 -10.19 11.97 2.76
N PRO A 103 -10.59 12.23 4.02
CA PRO A 103 -11.18 11.26 4.97
C PRO A 103 -12.54 10.68 4.57
N ASP A 104 -12.77 9.41 4.89
CA ASP A 104 -13.99 8.69 4.51
C ASP A 104 -14.45 7.84 5.69
N PRO A 105 -14.91 8.46 6.79
CA PRO A 105 -15.24 7.71 8.00
C PRO A 105 -16.43 6.78 7.86
N LYS A 106 -17.28 7.01 6.86
CA LYS A 106 -18.39 6.11 6.54
C LYS A 106 -18.06 5.12 5.42
N ASN A 107 -16.85 5.15 4.89
CA ASN A 107 -16.41 4.16 3.89
C ASN A 107 -17.35 4.10 2.68
N GLU A 108 -17.64 5.27 2.12
CA GLU A 108 -18.62 5.39 1.04
C GLU A 108 -18.00 5.45 -0.36
N SER A 109 -16.77 5.92 -0.50
CA SER A 109 -16.27 6.27 -1.82
C SER A 109 -15.49 5.18 -2.53
N LYS A 110 -15.17 4.06 -1.87
CA LYS A 110 -14.17 3.15 -2.42
C LYS A 110 -14.57 2.52 -3.75
N GLN A 111 -13.58 2.38 -4.63
CA GLN A 111 -13.66 1.60 -5.87
C GLN A 111 -12.37 0.80 -5.96
N LYS A 112 -12.37 -0.29 -6.72
CA LYS A 112 -11.20 -1.16 -6.75
C LYS A 112 -10.99 -1.75 -8.14
N THR A 113 -9.74 -2.02 -8.47
CA THR A 113 -9.43 -2.82 -9.65
C THR A 113 -9.67 -4.30 -9.38
N LYS A 114 -9.60 -5.08 -10.46
CA LYS A 114 -9.48 -6.52 -10.33
C LYS A 114 -8.13 -6.89 -9.70
N THR A 115 -8.04 -8.14 -9.28
CA THR A 115 -6.85 -8.73 -8.68
C THR A 115 -6.05 -9.43 -9.77
N ILE A 116 -4.75 -9.15 -9.82
CA ILE A 116 -3.85 -9.90 -10.70
C ILE A 116 -3.12 -10.90 -9.83
N ARG A 117 -3.26 -12.19 -10.15
CA ARG A 117 -2.68 -13.23 -9.31
C ARG A 117 -1.19 -13.43 -9.57
N SER A 118 -0.45 -13.72 -8.49
CA SER A 118 0.89 -14.29 -8.57
C SER A 118 1.86 -13.41 -9.36
N THR A 119 1.99 -12.15 -8.95
CA THR A 119 2.90 -11.27 -9.65
C THR A 119 3.40 -10.16 -8.73
N LEU A 120 4.58 -9.64 -9.03
CA LEU A 120 5.04 -8.40 -8.41
C LEU A 120 5.04 -7.26 -9.41
N ASN A 121 4.50 -7.50 -10.61
CA ASN A 121 4.52 -6.52 -11.70
C ASN A 121 3.20 -6.55 -12.44
N PRO A 122 2.11 -6.21 -11.75
CA PRO A 122 0.77 -6.34 -12.33
C PRO A 122 0.43 -5.26 -13.34
N GLN A 123 -0.42 -5.63 -14.29
CA GLN A 123 -1.02 -4.68 -15.22
C GLN A 123 -2.53 -4.78 -15.06
N TRP A 124 -3.18 -3.66 -14.74
CA TRP A 124 -4.64 -3.62 -14.58
C TRP A 124 -5.34 -2.96 -15.76
N ASN A 125 -4.85 -1.79 -16.20
CA ASN A 125 -5.46 -1.07 -17.32
C ASN A 125 -6.95 -0.82 -17.08
N GLU A 126 -7.27 -0.23 -15.93
CA GLU A 126 -8.64 0.07 -15.54
C GLU A 126 -8.77 1.55 -15.22
N SER A 127 -10.00 2.06 -15.31
CA SER A 127 -10.22 3.47 -15.00
C SER A 127 -11.47 3.63 -14.15
N PHE A 128 -11.54 4.77 -13.46
CA PHE A 128 -12.52 5.00 -12.42
C PHE A 128 -12.93 6.47 -12.46
N THR A 129 -14.21 6.73 -12.23
CA THR A 129 -14.71 8.10 -12.16
C THR A 129 -15.37 8.34 -10.80
N PHE A 130 -15.04 9.47 -10.19
CA PHE A 130 -15.67 9.93 -8.96
C PHE A 130 -16.43 11.21 -9.25
N LYS A 131 -17.71 11.24 -8.89
CA LYS A 131 -18.50 12.46 -9.01
C LYS A 131 -18.24 13.30 -7.77
N LEU A 132 -17.60 14.47 -7.95
CA LEU A 132 -17.17 15.26 -6.80
C LEU A 132 -18.30 16.11 -6.25
N LYS A 133 -18.34 16.23 -4.92
CA LYS A 133 -19.17 17.15 -4.18
C LYS A 133 -18.35 18.35 -3.74
N PRO A 134 -18.99 19.46 -3.41
CA PRO A 134 -18.20 20.65 -3.02
C PRO A 134 -17.22 20.38 -1.89
N SER A 135 -17.60 19.56 -0.91
CA SER A 135 -16.71 19.30 0.21
C SER A 135 -15.49 18.48 -0.21
N ASP A 136 -15.54 17.79 -1.35
CA ASP A 136 -14.38 17.02 -1.80
C ASP A 136 -13.17 17.89 -2.10
N LYS A 137 -13.33 19.21 -2.22
CA LYS A 137 -12.19 20.09 -2.45
C LYS A 137 -11.19 20.03 -1.30
N ASP A 138 -11.61 19.58 -0.12
CA ASP A 138 -10.74 19.44 1.03
C ASP A 138 -10.26 18.02 1.24
N ARG A 139 -10.60 17.11 0.32
CA ARG A 139 -10.25 15.70 0.45
C ARG A 139 -9.05 15.36 -0.43
N ARG A 140 -8.58 14.12 -0.28
CA ARG A 140 -7.47 13.59 -1.05
C ARG A 140 -7.91 12.31 -1.76
N LEU A 141 -7.43 12.13 -3.00
CA LEU A 141 -7.56 10.85 -3.69
C LEU A 141 -6.50 9.91 -3.12
N SER A 142 -6.95 8.84 -2.48
CA SER A 142 -6.10 7.81 -1.92
C SER A 142 -6.01 6.63 -2.89
N VAL A 143 -4.78 6.16 -3.14
CA VAL A 143 -4.51 5.04 -4.02
C VAL A 143 -3.68 4.04 -3.22
N GLU A 144 -4.25 2.87 -2.92
CA GLU A 144 -3.57 1.87 -2.11
C GLU A 144 -3.51 0.54 -2.84
N ILE A 145 -2.34 -0.09 -2.86
CA ILE A 145 -2.19 -1.44 -3.39
C ILE A 145 -2.22 -2.41 -2.22
N TRP A 146 -3.01 -3.48 -2.38
CA TRP A 146 -3.18 -4.52 -1.38
C TRP A 146 -2.97 -5.87 -2.04
N ASP A 147 -2.45 -6.83 -1.26
CA ASP A 147 -2.38 -8.22 -1.66
C ASP A 147 -3.66 -8.94 -1.27
N TRP A 148 -4.40 -9.43 -2.26
CA TRP A 148 -5.59 -10.25 -1.98
C TRP A 148 -5.19 -11.58 -1.36
N ASP A 149 -5.74 -11.88 -0.19
CA ASP A 149 -5.57 -13.15 0.49
C ASP A 149 -6.96 -13.77 0.64
N ARG A 150 -7.16 -14.96 0.10
CA ARG A 150 -8.53 -15.49 0.03
C ARG A 150 -9.10 -15.75 1.42
N THR A 151 -8.31 -16.32 2.32
CA THR A 151 -8.86 -16.79 3.57
C THR A 151 -8.29 -16.10 4.79
N THR A 152 -7.47 -15.06 4.61
CA THR A 152 -7.00 -14.23 5.71
C THR A 152 -7.14 -12.77 5.28
N ARG A 153 -6.83 -11.84 6.18
CA ARG A 153 -6.98 -10.43 5.85
C ARG A 153 -6.01 -10.06 4.74
N ASN A 154 -6.43 -9.13 3.88
CA ASN A 154 -5.56 -8.71 2.79
C ASN A 154 -4.41 -7.85 3.34
N ASP A 155 -3.28 -7.87 2.64
CA ASP A 155 -2.03 -7.31 3.16
C ASP A 155 -1.65 -6.02 2.44
N PHE A 156 -1.36 -4.98 3.22
CA PHE A 156 -1.00 -3.70 2.66
C PHE A 156 0.33 -3.77 1.93
N MET A 157 0.38 -3.23 0.70
CA MET A 157 1.60 -3.24 -0.09
C MET A 157 2.23 -1.87 -0.31
N GLY A 158 1.45 -0.81 -0.52
CA GLY A 158 2.01 0.50 -0.73
C GLY A 158 0.97 1.49 -1.20
N SER A 159 1.20 2.78 -1.02
CA SER A 159 0.14 3.73 -1.34
C SER A 159 0.69 5.13 -1.61
N LEU A 160 -0.24 6.02 -1.92
CA LEU A 160 0.06 7.43 -2.16
C LEU A 160 -1.27 8.17 -2.20
N SER A 161 -1.20 9.50 -2.30
CA SER A 161 -2.42 10.27 -2.42
C SER A 161 -2.13 11.58 -3.11
N PHE A 162 -3.20 12.22 -3.61
CA PHE A 162 -3.16 13.53 -4.26
C PHE A 162 -4.24 14.39 -3.63
N GLY A 163 -3.97 15.67 -3.44
CA GLY A 163 -5.02 16.56 -2.98
C GLY A 163 -5.99 16.83 -4.12
N VAL A 164 -7.30 16.72 -3.83
CA VAL A 164 -8.29 17.02 -4.87
C VAL A 164 -8.15 18.45 -5.39
N SER A 165 -7.94 19.41 -4.50
CA SER A 165 -7.79 20.80 -4.92
C SER A 165 -6.56 20.98 -5.80
N GLU A 166 -5.50 20.21 -5.54
CA GLU A 166 -4.33 20.27 -6.40
C GLU A 166 -4.59 19.66 -7.77
N LEU A 167 -5.29 18.51 -7.81
CA LEU A 167 -5.63 17.89 -9.09
C LEU A 167 -6.50 18.81 -9.93
N MET A 168 -7.37 19.59 -9.29
CA MET A 168 -8.17 20.55 -10.04
C MET A 168 -7.28 21.55 -10.78
N LYS A 169 -6.18 21.95 -10.18
CA LYS A 169 -5.30 22.92 -10.83
C LYS A 169 -4.35 22.27 -11.84
N MET A 170 -3.97 21.02 -11.61
CA MET A 170 -2.92 20.38 -12.40
C MET A 170 -3.15 18.88 -12.40
N PRO A 171 -3.48 18.28 -13.55
CA PRO A 171 -3.65 16.83 -13.60
C PRO A 171 -2.35 16.13 -13.25
N ALA A 172 -2.48 14.88 -12.84
CA ALA A 172 -1.34 14.02 -12.55
C ALA A 172 -1.19 12.98 -13.66
N SER A 173 0.05 12.65 -14.03
CA SER A 173 0.32 11.57 -14.95
C SER A 173 1.76 11.13 -14.75
N GLY A 174 2.00 9.84 -14.55
CA GLY A 174 3.35 9.35 -14.48
C GLY A 174 3.51 8.25 -13.48
N TRP A 175 4.78 7.93 -13.21
CA TRP A 175 5.17 6.96 -12.20
C TRP A 175 5.24 7.64 -10.84
N TYR A 176 4.82 6.90 -9.82
CA TYR A 176 4.81 7.38 -8.45
C TYR A 176 5.38 6.30 -7.54
N LYS A 177 6.23 6.72 -6.62
CA LYS A 177 6.85 5.80 -5.67
C LYS A 177 5.84 5.41 -4.59
N LEU A 178 5.71 4.11 -4.33
CA LEU A 178 4.75 3.68 -3.31
C LEU A 178 5.31 3.90 -1.91
N LEU A 179 4.45 4.35 -1.02
CA LEU A 179 4.78 4.77 0.34
C LEU A 179 4.09 3.89 1.37
N ASN A 180 4.51 4.00 2.63
CA ASN A 180 3.80 3.29 3.68
C ASN A 180 2.39 3.86 3.85
N GLN A 181 1.55 3.10 4.58
CA GLN A 181 0.12 3.44 4.57
C GLN A 181 -0.13 4.82 5.19
N GLU A 182 0.61 5.15 6.23
CA GLU A 182 0.39 6.41 6.92
C GLU A 182 0.86 7.59 6.08
N GLU A 183 2.08 7.50 5.53
CA GLU A 183 2.57 8.57 4.66
C GLU A 183 1.70 8.69 3.42
N GLY A 184 1.26 7.56 2.88
CA GLY A 184 0.51 7.59 1.64
C GLY A 184 -0.81 8.31 1.75
N GLU A 185 -1.38 8.44 2.95
CA GLU A 185 -2.62 9.20 3.09
C GLU A 185 -2.42 10.70 2.91
N TYR A 186 -1.17 11.18 2.93
CA TYR A 186 -0.93 12.61 2.96
C TYR A 186 0.03 13.10 1.90
N TYR A 187 0.72 12.22 1.17
CA TYR A 187 1.81 12.62 0.30
C TYR A 187 1.85 11.76 -0.96
N ASN A 188 2.55 12.26 -1.98
CA ASN A 188 2.99 11.46 -3.10
C ASN A 188 4.41 11.86 -3.47
N VAL A 189 5.09 10.95 -4.17
CA VAL A 189 6.47 11.12 -4.62
C VAL A 189 6.52 10.76 -6.10
N PRO A 190 6.45 11.75 -6.98
CA PRO A 190 6.61 11.48 -8.41
C PRO A 190 8.00 10.95 -8.70
N ILE A 191 8.09 10.10 -9.71
CA ILE A 191 9.39 9.62 -10.17
C ILE A 191 9.72 10.18 -11.52
PB PB B . -1.91 -13.25 -1.63
PB PB C . -0.57 -12.77 2.15
PB PB D . 1.34 -11.25 5.67
PB PB E . -2.84 -11.75 5.34
S SO4 F . -0.54 17.02 -3.13
O1 SO4 F . 0.45 18.03 -3.46
O2 SO4 F . -0.02 15.99 -2.25
O3 SO4 F . -1.21 16.49 -4.32
O4 SO4 F . -1.61 17.61 -2.30
S SO4 G . 8.53 2.69 4.22
O1 SO4 G . 9.99 2.49 4.22
O2 SO4 G . 7.88 1.70 5.08
O3 SO4 G . 8.22 4.03 4.73
O4 SO4 G . 8.01 2.55 2.86
S SO4 H . -10.18 -8.55 4.03
O1 SO4 H . -8.96 -7.77 4.36
O2 SO4 H . -9.80 -9.95 3.83
O3 SO4 H . -11.27 -8.47 5.02
O4 SO4 H . -10.67 -8.00 2.77
C1 CIT I . 1.03 -14.02 5.03
O1 CIT I . 2.21 -13.70 5.31
O2 CIT I . 0.12 -13.16 4.83
C2 CIT I . 0.71 -15.53 4.95
C3 CIT I . -0.22 -15.87 3.79
O7 CIT I . 0.31 -15.30 2.62
C4 CIT I . -0.31 -17.41 3.68
C5 CIT I . -1.08 -17.85 2.44
O3 CIT I . -1.51 -19.02 2.45
O4 CIT I . -1.09 -17.10 1.44
C6 CIT I . -1.64 -15.28 4.08
O5 CIT I . -2.26 -15.68 5.09
O6 CIT I . -2.04 -14.32 3.41
C1 CIT J . -0.33 -11.87 7.90
O1 CIT J . 0.85 -12.31 7.94
O2 CIT J . -0.78 -11.20 6.94
C2 CIT J . -1.22 -12.10 9.14
C3 CIT J . -2.72 -12.04 8.80
O7 CIT J . -3.01 -12.95 7.75
C4 CIT J . -3.50 -12.36 10.08
C5 CIT J . -5.01 -12.36 9.85
O3 CIT J . -5.74 -12.31 10.85
O4 CIT J . -5.46 -12.57 8.73
C6 CIT J . -3.12 -10.61 8.34
O5 CIT J . -2.99 -9.71 9.19
O6 CIT J . -3.55 -10.39 7.17
ZN ZN K . 3.61 -9.51 8.38
ZN ZN L . 18.09 -6.70 10.97
#